data_8E08
#
_entry.id   8E08
#
_cell.length_a   59.274
_cell.length_b   75.627
_cell.length_c   125.467
_cell.angle_alpha   90.00
_cell.angle_beta   90.00
_cell.angle_gamma   90.00
#
_symmetry.space_group_name_H-M   'P 21 21 21'
#
loop_
_entity.id
_entity.type
_entity.pdbx_description
1 polymer 'Heparanase 50 kDa subunit'
2 polymer 'Heparanase 8 kDa subunit'
3 branched 2,3,4-tri-O-sulfo-beta-D-xylopyranose-(1-4)-2,3-di-O-sulfo-beta-D-xylopyranose-(1-4)-2,3-di-O-sulfo-beta-D-xylopyranose-(1-4)-2,3-di-O-sulfo-beta-D-xylopyranose
4 non-polymer 'ACETATE ION'
5 non-polymer 'SULFATE ION'
6 water water
#
loop_
_entity_poly.entity_id
_entity_poly.type
_entity_poly.pdbx_seq_one_letter_code
_entity_poly.pdbx_strand_id
1 'polypeptide(L)'
;MKKFKNSTYSRSSVDVLYTFAKCSGLDLIFGLNALLRTSDGQWNSSNAQLLLDYCASKGYNIDWELGNEPNSFRKKAGIF
INGSQLGKDFIHLHKLLRKSTFKNAKLYGPDVGQPRGKTAKMLKSFLKAGGEVIDAVTWHHYYLNGRTATLEDFLNPDVL
DTFISQVQKVLQVVESTRPGKKVWLGETSSAYGGGAPGLSDTFAAGFMWLDKLGLSARMGIEVVMRQVFFGAGNYHLVDE
NFDPLPDYWLSLLFKKLVGTKVLMASVQGQDRRKLRVYLHCTNTDNPRYKEGDLTLYAINLHNVTKYLRLPYPFSNKQVD
QYLLRPHGPDGLLSKSVQLNGQTLKMVDDQTLPPLKPKPLRPGSSLGLPAFSYAFFVIRNAKVPACI
;
A
2 'polypeptide(L)'
;MGSSHHHHHHSQDPNSSSQDVVDLDFFTQEPLHLVSPSFLSVTIDANLATDPRFLILLGSPKLRTLARGLSPAYLRFGGT
KTDFLIFDPKKE
;
B
#
# COMPACT_ATOMS: atom_id res chain seq x y z
N LYS A 3 -6.45 -28.90 -2.92
CA LYS A 3 -7.12 -28.36 -4.10
C LYS A 3 -8.36 -27.54 -3.73
N PHE A 4 -9.15 -28.02 -2.78
CA PHE A 4 -10.26 -27.23 -2.26
C PHE A 4 -9.73 -26.07 -1.41
N LYS A 5 -10.11 -24.86 -1.76
CA LYS A 5 -9.66 -23.70 -1.00
C LYS A 5 -10.53 -23.38 0.21
N ASN A 6 -11.65 -24.07 0.41
CA ASN A 6 -12.58 -23.64 1.46
C ASN A 6 -12.07 -24.05 2.84
N SER A 7 -12.14 -23.12 3.77
CA SER A 7 -11.71 -23.35 5.15
C SER A 7 -12.64 -22.57 6.06
N THR A 8 -12.66 -22.97 7.34
CA THR A 8 -13.39 -22.23 8.34
C THR A 8 -12.42 -21.44 9.21
N TYR A 9 -12.94 -20.38 9.84
CA TYR A 9 -12.20 -19.64 10.85
C TYR A 9 -13.09 -19.36 12.05
N SER A 10 -12.43 -19.14 13.19
CA SER A 10 -13.10 -19.09 14.48
C SER A 10 -13.24 -17.66 14.98
N ARG A 11 -14.05 -17.52 16.05
CA ARG A 11 -14.08 -16.31 16.85
C ARG A 11 -12.68 -15.93 17.33
N SER A 12 -11.86 -16.91 17.73
CA SER A 12 -10.52 -16.57 18.21
C SER A 12 -9.67 -15.97 17.10
N SER A 13 -9.81 -16.47 15.87
CA SER A 13 -9.08 -15.89 14.74
C SER A 13 -9.49 -14.44 14.52
N VAL A 14 -10.79 -14.17 14.57
CA VAL A 14 -11.27 -12.80 14.48
C VAL A 14 -10.70 -11.96 15.60
N ASP A 15 -10.77 -12.47 16.84
CA ASP A 15 -10.25 -11.71 17.99
C ASP A 15 -8.78 -11.39 17.82
N VAL A 16 -8.02 -12.36 17.33
CA VAL A 16 -6.58 -12.20 17.18
C VAL A 16 -6.28 -11.13 16.14
N LEU A 17 -7.01 -11.16 15.03
CA LEU A 17 -6.78 -10.18 13.97
C LEU A 17 -7.15 -8.78 14.44
N TYR A 18 -8.30 -8.64 15.11
CA TYR A 18 -8.71 -7.34 15.64
C TYR A 18 -7.73 -6.84 16.68
N THR A 19 -7.29 -7.71 17.59
CA THR A 19 -6.37 -7.26 18.64
C THR A 19 -5.02 -6.86 18.06
N PHE A 20 -4.55 -7.60 17.06
CA PHE A 20 -3.31 -7.21 16.40
C PHE A 20 -3.42 -5.81 15.81
N ALA A 21 -4.52 -5.53 15.13
CA ALA A 21 -4.68 -4.20 14.55
C ALA A 21 -4.76 -3.13 15.63
N LYS A 22 -5.58 -3.37 16.66
CA LYS A 22 -5.76 -2.38 17.71
C LYS A 22 -4.46 -2.10 18.45
N CYS A 23 -3.72 -3.15 18.81
CA CYS A 23 -2.51 -2.96 19.60
C CYS A 23 -1.41 -2.30 18.78
N SER A 24 -1.52 -2.31 17.46
CA SER A 24 -0.52 -1.72 16.59
C SER A 24 -0.93 -0.35 16.04
N GLY A 25 -2.11 0.13 16.38
CA GLY A 25 -2.60 1.40 15.86
C GLY A 25 -3.04 1.34 14.42
N LEU A 26 -3.57 0.20 13.98
CA LEU A 26 -4.01 0.01 12.61
C LEU A 26 -5.52 -0.15 12.57
N ASP A 27 -6.12 0.21 11.44
CA ASP A 27 -7.56 0.13 11.25
C ASP A 27 -7.87 -1.08 10.37
N LEU A 28 -8.61 -2.03 10.93
CA LEU A 28 -8.86 -3.31 10.28
C LEU A 28 -9.95 -3.17 9.23
N ILE A 29 -9.68 -3.72 8.04
CA ILE A 29 -10.67 -3.94 7.00
C ILE A 29 -10.76 -5.44 6.75
N PHE A 30 -11.96 -6.00 6.85
CA PHE A 30 -12.17 -7.44 6.78
C PHE A 30 -12.96 -7.77 5.51
N GLY A 31 -12.37 -8.59 4.63
CA GLY A 31 -13.10 -9.00 3.43
C GLY A 31 -14.06 -10.16 3.67
N LEU A 32 -15.35 -9.96 3.39
CA LEU A 32 -16.36 -11.01 3.49
C LEU A 32 -16.45 -11.86 2.22
N ASN A 33 -16.95 -13.08 2.39
CA ASN A 33 -17.04 -14.08 1.32
C ASN A 33 -18.22 -13.76 0.40
N ALA A 34 -17.93 -13.37 -0.85
CA ALA A 34 -19.00 -13.07 -1.82
C ALA A 34 -19.52 -14.29 -2.57
N LEU A 35 -18.87 -15.45 -2.44
CA LEU A 35 -19.24 -16.64 -3.20
C LEU A 35 -20.17 -17.57 -2.42
N LEU A 36 -20.84 -17.08 -1.39
CA LEU A 36 -21.97 -17.76 -0.79
C LEU A 36 -23.21 -17.22 -1.49
N ARG A 37 -23.86 -18.07 -2.30
CA ARG A 37 -24.91 -17.62 -3.21
C ARG A 37 -26.21 -18.39 -2.99
N THR A 38 -27.34 -17.69 -3.19
CA THR A 38 -28.62 -18.37 -3.15
C THR A 38 -28.85 -19.07 -4.48
N SER A 39 -29.87 -19.94 -4.53
CA SER A 39 -30.16 -20.58 -5.81
C SER A 39 -30.68 -19.58 -6.83
N ASP A 40 -31.07 -18.40 -6.37
CA ASP A 40 -31.57 -17.31 -7.20
C ASP A 40 -30.46 -16.39 -7.68
N GLY A 41 -29.20 -16.72 -7.42
CA GLY A 41 -28.09 -15.91 -7.88
C GLY A 41 -27.75 -14.70 -7.02
N GLN A 42 -28.33 -14.58 -5.83
CA GLN A 42 -28.05 -13.48 -4.92
C GLN A 42 -26.94 -13.85 -3.95
N TRP A 43 -26.33 -12.84 -3.36
CA TRP A 43 -25.45 -13.09 -2.24
C TRP A 43 -26.27 -13.61 -1.06
N ASN A 44 -25.87 -14.75 -0.50
CA ASN A 44 -26.47 -15.28 0.72
C ASN A 44 -25.72 -14.68 1.90
N SER A 45 -26.38 -13.79 2.65
CA SER A 45 -25.72 -13.05 3.71
C SER A 45 -25.72 -13.77 5.06
N SER A 46 -26.15 -15.03 5.14
CA SER A 46 -26.37 -15.61 6.47
C SER A 46 -25.06 -15.76 7.24
N ASN A 47 -23.97 -16.16 6.57
CA ASN A 47 -22.71 -16.34 7.28
C ASN A 47 -22.13 -15.00 7.71
N ALA A 48 -22.21 -13.98 6.85
CA ALA A 48 -21.72 -12.66 7.23
C ALA A 48 -22.51 -12.12 8.41
N GLN A 49 -23.83 -12.34 8.41
CA GLN A 49 -24.64 -11.87 9.53
C GLN A 49 -24.13 -12.39 10.87
N LEU A 50 -23.81 -13.69 10.92
CA LEU A 50 -23.23 -14.25 12.15
C LEU A 50 -21.98 -13.49 12.56
N LEU A 51 -21.11 -13.22 11.60
CA LEU A 51 -19.86 -12.55 11.92
C LEU A 51 -20.11 -11.09 12.35
N LEU A 52 -20.94 -10.36 11.61
CA LEU A 52 -21.25 -8.98 12.01
C LEU A 52 -21.82 -8.94 13.43
N ASP A 53 -22.75 -9.86 13.73
CA ASP A 53 -23.36 -9.91 15.05
C ASP A 53 -22.31 -10.17 16.13
N TYR A 54 -21.39 -11.09 15.87
CA TYR A 54 -20.33 -11.36 16.83
C TYR A 54 -19.46 -10.12 17.04
N CYS A 55 -18.97 -9.51 15.94
CA CYS A 55 -18.13 -8.33 16.06
C CYS A 55 -18.84 -7.19 16.78
N ALA A 56 -20.11 -6.94 16.44
CA ALA A 56 -20.88 -5.90 17.12
C ALA A 56 -21.00 -6.20 18.61
N SER A 57 -21.31 -7.44 18.95
CA SER A 57 -21.41 -7.86 20.35
C SER A 57 -20.12 -7.58 21.11
N LYS A 58 -18.97 -7.73 20.44
CA LYS A 58 -17.66 -7.53 21.06
C LYS A 58 -17.20 -6.08 21.04
N GLY A 59 -17.90 -5.19 20.35
CA GLY A 59 -17.49 -3.79 20.29
C GLY A 59 -16.41 -3.49 19.27
N TYR A 60 -16.18 -4.37 18.31
CA TYR A 60 -15.11 -4.17 17.36
C TYR A 60 -15.52 -3.15 16.31
N ASN A 61 -14.71 -2.10 16.15
CA ASN A 61 -14.85 -1.15 15.05
C ASN A 61 -14.08 -1.68 13.86
N ILE A 62 -14.79 -2.24 12.90
CA ILE A 62 -14.19 -2.86 11.72
C ILE A 62 -14.86 -2.27 10.49
N ASP A 63 -14.09 -2.08 9.42
CA ASP A 63 -14.61 -1.74 8.11
C ASP A 63 -14.63 -3.00 7.26
N TRP A 64 -15.45 -2.99 6.21
CA TRP A 64 -15.77 -4.22 5.49
C TRP A 64 -15.54 -4.08 4.00
N GLU A 65 -15.25 -5.22 3.38
CA GLU A 65 -15.27 -5.41 1.93
C GLU A 65 -16.07 -6.67 1.66
N LEU A 66 -16.44 -6.86 0.40
CA LEU A 66 -17.24 -8.03 0.00
C LEU A 66 -16.64 -8.57 -1.28
N GLY A 67 -16.01 -9.74 -1.20
CA GLY A 67 -15.41 -10.35 -2.35
C GLY A 67 -14.03 -9.79 -2.69
N ASN A 68 -13.27 -10.61 -3.41
CA ASN A 68 -11.91 -10.31 -3.84
C ASN A 68 -11.77 -10.67 -5.31
N GLU A 69 -11.37 -9.70 -6.13
CA GLU A 69 -11.19 -9.85 -7.57
C GLU A 69 -12.37 -10.61 -8.21
N PRO A 70 -13.57 -10.03 -8.17
CA PRO A 70 -14.73 -10.71 -8.77
C PRO A 70 -14.61 -10.92 -10.28
N ASN A 71 -13.74 -10.15 -10.96
CA ASN A 71 -13.48 -10.38 -12.36
C ASN A 71 -12.99 -11.80 -12.65
N SER A 72 -12.43 -12.49 -11.66
CA SER A 72 -11.91 -13.83 -11.90
C SER A 72 -12.77 -14.93 -11.27
N PHE A 73 -13.97 -14.59 -10.77
CA PHE A 73 -14.83 -15.62 -10.18
C PHE A 73 -15.12 -16.74 -11.17
N ARG A 74 -15.37 -16.41 -12.42
CA ARG A 74 -15.71 -17.45 -13.37
C ARG A 74 -14.59 -18.48 -13.48
N LYS A 75 -13.34 -18.01 -13.51
CA LYS A 75 -12.20 -18.91 -13.67
C LYS A 75 -11.85 -19.62 -12.37
N LYS A 76 -11.91 -18.92 -11.24
CA LYS A 76 -11.44 -19.54 -9.99
C LYS A 76 -12.55 -20.31 -9.29
N ALA A 77 -13.80 -19.97 -9.51
CA ALA A 77 -14.88 -20.61 -8.77
C ALA A 77 -15.97 -21.18 -9.67
N GLY A 78 -15.83 -21.08 -10.99
CA GLY A 78 -16.81 -21.65 -11.89
C GLY A 78 -18.14 -20.92 -11.94
N ILE A 79 -18.20 -19.68 -11.48
CA ILE A 79 -19.47 -18.96 -11.44
C ILE A 79 -19.22 -17.52 -11.87
N PHE A 80 -20.11 -16.99 -12.70
CA PHE A 80 -20.00 -15.60 -13.15
C PHE A 80 -21.03 -14.74 -12.41
N ILE A 81 -20.54 -13.69 -11.76
CA ILE A 81 -21.37 -12.70 -11.09
C ILE A 81 -21.14 -11.38 -11.80
N ASN A 82 -22.18 -10.80 -12.41
CA ASN A 82 -21.90 -9.56 -13.13
C ASN A 82 -21.88 -8.37 -12.17
N GLY A 83 -21.35 -7.25 -12.67
CA GLY A 83 -21.18 -6.07 -11.83
C GLY A 83 -22.47 -5.56 -11.23
N SER A 84 -23.56 -5.60 -12.00
CA SER A 84 -24.85 -5.17 -11.47
C SER A 84 -25.27 -6.01 -10.28
N GLN A 85 -25.14 -7.33 -10.39
CA GLN A 85 -25.50 -8.19 -9.26
C GLN A 85 -24.57 -7.97 -8.08
N LEU A 86 -23.27 -7.86 -8.32
CA LEU A 86 -22.34 -7.57 -7.23
C LEU A 86 -22.73 -6.27 -6.54
N GLY A 87 -23.11 -5.26 -7.31
CA GLY A 87 -23.56 -4.01 -6.72
C GLY A 87 -24.80 -4.19 -5.85
N LYS A 88 -25.75 -4.99 -6.32
CA LYS A 88 -26.91 -5.30 -5.49
C LYS A 88 -26.48 -5.98 -4.18
N ASP A 89 -25.49 -6.88 -4.25
CA ASP A 89 -25.03 -7.56 -3.04
C ASP A 89 -24.42 -6.57 -2.04
N PHE A 90 -23.67 -5.58 -2.55
CA PHE A 90 -23.10 -4.55 -1.68
C PHE A 90 -24.19 -3.70 -1.02
N ILE A 91 -25.26 -3.41 -1.76
CA ILE A 91 -26.39 -2.69 -1.18
C ILE A 91 -27.00 -3.51 -0.05
N HIS A 92 -27.11 -4.82 -0.24
CA HIS A 92 -27.60 -5.68 0.84
C HIS A 92 -26.68 -5.62 2.05
N LEU A 93 -25.37 -5.73 1.80
CA LEU A 93 -24.42 -5.65 2.92
C LEU A 93 -24.50 -4.29 3.61
N HIS A 94 -24.66 -3.22 2.84
CA HIS A 94 -24.74 -1.89 3.45
C HIS A 94 -25.92 -1.79 4.41
N LYS A 95 -27.07 -2.34 4.03
CA LYS A 95 -28.24 -2.38 4.92
C LYS A 95 -27.93 -3.14 6.21
N LEU A 96 -27.22 -4.27 6.11
CA LEU A 96 -26.89 -5.02 7.32
C LEU A 96 -26.01 -4.19 8.24
N LEU A 97 -25.06 -3.44 7.66
CA LEU A 97 -24.18 -2.61 8.47
C LEU A 97 -24.93 -1.48 9.15
N ARG A 98 -25.91 -0.88 8.44
CA ARG A 98 -26.70 0.17 9.07
C ARG A 98 -27.60 -0.39 10.17
N LYS A 99 -28.11 -1.61 10.03
CA LYS A 99 -28.94 -2.22 11.07
C LYS A 99 -28.14 -2.68 12.28
N SER A 100 -26.81 -2.66 12.21
CA SER A 100 -25.96 -3.17 13.27
C SER A 100 -25.71 -2.09 14.32
N THR A 101 -25.03 -2.47 15.40
CA THR A 101 -24.64 -1.51 16.40
C THR A 101 -23.26 -0.91 16.11
N PHE A 102 -22.68 -1.21 14.94
CA PHE A 102 -21.50 -0.50 14.50
C PHE A 102 -21.88 0.95 14.20
N LYS A 103 -21.10 1.88 14.72
CA LYS A 103 -21.30 3.30 14.42
C LYS A 103 -20.32 3.69 13.32
N ASN A 104 -20.87 4.01 12.14
CA ASN A 104 -20.08 4.52 11.03
C ASN A 104 -19.15 3.46 10.44
N ALA A 105 -19.61 2.21 10.36
CA ALA A 105 -18.84 1.19 9.65
C ALA A 105 -18.73 1.56 8.17
N LYS A 106 -17.51 1.52 7.64
CA LYS A 106 -17.30 1.85 6.24
C LYS A 106 -17.27 0.57 5.40
N LEU A 107 -17.59 0.73 4.11
CA LEU A 107 -17.67 -0.37 3.16
C LEU A 107 -16.88 -0.01 1.91
N TYR A 108 -15.97 -0.88 1.49
CA TYR A 108 -15.12 -0.65 0.33
C TYR A 108 -15.28 -1.79 -0.65
N GLY A 109 -15.09 -1.49 -1.94
CA GLY A 109 -15.20 -2.48 -2.99
C GLY A 109 -14.94 -1.84 -4.34
N PRO A 110 -14.89 -2.65 -5.40
CA PRO A 110 -15.17 -4.10 -5.36
C PRO A 110 -13.91 -4.96 -5.40
N ASP A 111 -12.74 -4.34 -5.23
CA ASP A 111 -11.47 -5.05 -5.22
C ASP A 111 -11.23 -5.84 -6.52
N VAL A 112 -11.49 -5.17 -7.66
CA VAL A 112 -11.27 -5.77 -8.98
C VAL A 112 -9.77 -5.77 -9.30
N GLY A 113 -9.34 -6.75 -10.10
CA GLY A 113 -8.00 -6.74 -10.66
C GLY A 113 -7.82 -5.57 -11.62
N GLN A 114 -6.56 -5.34 -12.02
CA GLN A 114 -6.24 -4.13 -12.77
C GLN A 114 -6.91 -4.14 -14.15
N PRO A 115 -7.08 -2.95 -14.74
CA PRO A 115 -7.82 -2.84 -16.01
C PRO A 115 -7.28 -3.81 -17.06
N ARG A 116 -8.19 -4.61 -17.55
CA ARG A 116 -8.15 -5.26 -18.84
C ARG A 116 -9.58 -5.19 -19.35
N GLY A 117 -9.74 -4.99 -20.66
CA GLY A 117 -11.04 -4.70 -21.25
C GLY A 117 -12.27 -5.06 -20.43
N LYS A 118 -12.38 -6.35 -20.07
CA LYS A 118 -13.60 -6.83 -19.41
C LYS A 118 -13.67 -6.40 -17.95
N THR A 119 -12.53 -6.31 -17.27
CA THR A 119 -12.54 -5.88 -15.87
C THR A 119 -13.03 -4.45 -15.74
N ALA A 120 -12.64 -3.58 -16.69
CA ALA A 120 -13.09 -2.20 -16.66
C ALA A 120 -14.60 -2.13 -16.80
N LYS A 121 -15.18 -3.03 -17.59
CA LYS A 121 -16.63 -3.06 -17.74
C LYS A 121 -17.31 -3.52 -16.46
N MET A 122 -16.71 -4.49 -15.76
CA MET A 122 -17.31 -4.95 -14.50
C MET A 122 -17.27 -3.86 -13.45
N LEU A 123 -16.13 -3.16 -13.33
CA LEU A 123 -16.04 -2.03 -12.42
C LEU A 123 -17.12 -1.00 -12.72
N LYS A 124 -17.29 -0.66 -14.00
CA LYS A 124 -18.27 0.34 -14.38
C LYS A 124 -19.68 -0.09 -13.98
N SER A 125 -20.07 -1.31 -14.37
CA SER A 125 -21.42 -1.74 -14.02
C SER A 125 -21.58 -1.83 -12.50
N PHE A 126 -20.53 -2.25 -11.79
CA PHE A 126 -20.59 -2.28 -10.33
C PHE A 126 -20.87 -0.88 -9.76
N LEU A 127 -20.17 0.12 -10.26
CA LEU A 127 -20.32 1.46 -9.71
C LEU A 127 -21.71 2.02 -10.02
N LYS A 128 -22.24 1.73 -11.21
CA LYS A 128 -23.60 2.17 -11.53
C LYS A 128 -24.59 1.68 -10.49
N ALA A 129 -24.55 0.37 -10.20
CA ALA A 129 -25.53 -0.23 -9.30
C ALA A 129 -25.18 -0.04 -7.82
N GLY A 130 -23.90 -0.10 -7.46
CA GLY A 130 -23.55 -0.15 -6.05
C GLY A 130 -22.65 0.97 -5.56
N GLY A 131 -22.25 1.85 -6.47
CA GLY A 131 -21.35 2.94 -6.13
C GLY A 131 -21.83 3.82 -5.00
N GLU A 132 -23.14 3.92 -4.79
CA GLU A 132 -23.65 4.81 -3.74
C GLU A 132 -23.29 4.35 -2.34
N VAL A 133 -23.10 3.05 -2.11
CA VAL A 133 -22.93 2.56 -0.74
C VAL A 133 -21.47 2.30 -0.38
N ILE A 134 -20.53 2.47 -1.29
CA ILE A 134 -19.12 2.26 -0.95
C ILE A 134 -18.48 3.60 -0.64
N ASP A 135 -17.58 3.61 0.34
CA ASP A 135 -16.89 4.81 0.75
C ASP A 135 -15.60 5.04 -0.02
N ALA A 136 -15.10 4.02 -0.71
CA ALA A 136 -13.97 4.18 -1.60
C ALA A 136 -13.96 3.02 -2.57
N VAL A 137 -13.51 3.28 -3.79
CA VAL A 137 -13.38 2.25 -4.83
C VAL A 137 -12.02 1.59 -4.69
N THR A 138 -12.00 0.25 -4.60
CA THR A 138 -10.75 -0.49 -4.45
C THR A 138 -10.45 -1.30 -5.71
N TRP A 139 -9.19 -1.25 -6.13
CA TRP A 139 -8.71 -2.10 -7.22
C TRP A 139 -7.31 -2.59 -6.89
N HIS A 140 -6.81 -3.53 -7.68
CA HIS A 140 -5.57 -4.21 -7.39
C HIS A 140 -4.59 -4.01 -8.55
N HIS A 141 -3.30 -4.04 -8.25
CA HIS A 141 -2.27 -3.93 -9.28
C HIS A 141 -1.00 -4.68 -8.92
N TYR A 142 -0.46 -5.38 -9.91
CA TYR A 142 0.89 -5.93 -9.89
C TYR A 142 1.57 -5.63 -11.21
N TYR A 143 2.89 -5.42 -11.18
CA TYR A 143 3.58 -5.10 -12.43
C TYR A 143 3.80 -6.32 -13.31
N LEU A 144 4.17 -7.44 -12.69
CA LEU A 144 4.78 -8.57 -13.41
C LEU A 144 4.34 -9.88 -12.79
N ASN A 145 4.52 -10.95 -13.57
CA ASN A 145 4.37 -12.33 -13.08
C ASN A 145 5.57 -12.70 -12.24
N GLY A 146 5.35 -13.09 -10.98
CA GLY A 146 6.47 -13.45 -10.13
C GLY A 146 7.29 -14.61 -10.66
N ARG A 147 6.67 -15.49 -11.44
CA ARG A 147 7.35 -16.66 -11.97
C ARG A 147 8.46 -16.31 -12.96
N THR A 148 8.34 -15.19 -13.67
CA THR A 148 9.27 -14.89 -14.75
C THR A 148 9.99 -13.57 -14.59
N ALA A 149 9.70 -12.79 -13.56
CA ALA A 149 10.33 -11.48 -13.39
C ALA A 149 11.82 -11.63 -13.16
N THR A 150 12.60 -10.71 -13.73
CA THR A 150 14.05 -10.66 -13.57
C THR A 150 14.43 -9.36 -12.90
N LEU A 151 15.65 -9.32 -12.35
CA LEU A 151 16.18 -8.07 -11.81
C LEU A 151 16.06 -6.93 -12.82
N GLU A 152 16.35 -7.19 -14.10
CA GLU A 152 16.27 -6.11 -15.09
C GLU A 152 14.87 -5.52 -15.14
N ASP A 153 13.83 -6.37 -15.09
CA ASP A 153 12.46 -5.87 -15.06
C ASP A 153 12.23 -4.93 -13.88
N PHE A 154 12.71 -5.33 -12.69
CA PHE A 154 12.55 -4.48 -11.52
C PHE A 154 13.27 -3.15 -11.64
N LEU A 155 14.25 -3.03 -12.55
CA LEU A 155 15.00 -1.79 -12.72
C LEU A 155 14.58 -0.99 -13.94
N ASN A 156 13.54 -1.43 -14.65
CA ASN A 156 13.26 -0.94 -15.99
C ASN A 156 12.23 0.19 -15.94
N PRO A 157 12.59 1.41 -16.37
CA PRO A 157 11.61 2.50 -16.35
C PRO A 157 10.37 2.22 -17.17
N ASP A 158 10.51 1.44 -18.25
CA ASP A 158 9.34 1.10 -19.06
C ASP A 158 8.33 0.27 -18.26
N VAL A 159 8.81 -0.68 -17.46
CA VAL A 159 7.92 -1.43 -16.58
C VAL A 159 7.25 -0.51 -15.56
N LEU A 160 8.05 0.33 -14.88
CA LEU A 160 7.47 1.26 -13.92
C LEU A 160 6.37 2.09 -14.57
N ASP A 161 6.61 2.54 -15.81
CA ASP A 161 5.65 3.41 -16.48
C ASP A 161 4.34 2.71 -16.82
N THR A 162 4.31 1.38 -16.91
CA THR A 162 3.05 0.73 -17.23
C THR A 162 1.98 0.98 -16.18
N PHE A 163 2.37 1.33 -14.96
CA PHE A 163 1.41 1.63 -13.90
C PHE A 163 0.58 2.87 -14.23
N ILE A 164 1.17 3.84 -14.93
CA ILE A 164 0.47 5.09 -15.23
C ILE A 164 -0.80 4.83 -16.03
N SER A 165 -0.70 4.02 -17.09
CA SER A 165 -1.86 3.75 -17.93
C SER A 165 -2.95 3.00 -17.17
N GLN A 166 -2.53 2.06 -16.30
CA GLN A 166 -3.50 1.32 -15.49
C GLN A 166 -4.28 2.26 -14.57
N VAL A 167 -3.58 3.18 -13.89
CA VAL A 167 -4.26 4.15 -13.04
C VAL A 167 -5.21 5.01 -13.86
N GLN A 168 -4.73 5.49 -15.02
CA GLN A 168 -5.58 6.36 -15.85
C GLN A 168 -6.87 5.67 -16.22
N LYS A 169 -6.81 4.40 -16.64
CA LYS A 169 -8.02 3.67 -17.00
C LYS A 169 -9.01 3.58 -15.85
N VAL A 170 -8.54 3.26 -14.64
CA VAL A 170 -9.45 3.13 -13.51
C VAL A 170 -10.10 4.47 -13.18
N LEU A 171 -9.29 5.53 -13.10
CA LEU A 171 -9.84 6.86 -12.80
C LEU A 171 -10.87 7.28 -13.84
N GLN A 172 -10.61 6.98 -15.11
CA GLN A 172 -11.56 7.34 -16.14
C GLN A 172 -12.90 6.63 -15.90
N VAL A 173 -12.86 5.36 -15.53
CA VAL A 173 -14.11 4.66 -15.26
C VAL A 173 -14.83 5.30 -14.08
N VAL A 174 -14.11 5.59 -13.01
CA VAL A 174 -14.75 6.16 -11.83
C VAL A 174 -15.27 7.56 -12.15
N GLU A 175 -14.49 8.36 -12.89
CA GLU A 175 -14.91 9.72 -13.27
C GLU A 175 -16.20 9.73 -14.08
N SER A 176 -16.44 8.68 -14.85
CA SER A 176 -17.61 8.65 -15.71
C SER A 176 -18.87 8.21 -14.98
N THR A 177 -18.74 7.65 -13.77
CA THR A 177 -19.85 7.10 -13.00
C THR A 177 -20.00 7.77 -11.63
N ARG A 178 -18.89 8.06 -10.93
CA ARG A 178 -18.95 8.65 -9.59
C ARG A 178 -17.77 9.61 -9.41
N PRO A 179 -17.82 10.78 -10.05
CA PRO A 179 -16.68 11.71 -9.99
C PRO A 179 -16.35 12.10 -8.56
N GLY A 180 -15.06 12.17 -8.24
CA GLY A 180 -14.78 12.50 -6.86
C GLY A 180 -15.13 11.44 -5.82
N LYS A 181 -15.53 10.24 -6.22
CA LYS A 181 -15.46 9.14 -5.27
C LYS A 181 -13.98 8.80 -5.05
N LYS A 182 -13.60 8.52 -3.81
CA LYS A 182 -12.20 8.22 -3.53
C LYS A 182 -11.80 6.88 -4.13
N VAL A 183 -10.55 6.80 -4.60
CA VAL A 183 -10.03 5.60 -5.28
C VAL A 183 -8.81 5.11 -4.52
N TRP A 184 -8.82 3.82 -4.16
CA TRP A 184 -7.78 3.17 -3.37
C TRP A 184 -7.20 1.98 -4.11
N LEU A 185 -5.88 1.80 -3.98
CA LEU A 185 -5.25 0.53 -4.34
C LEU A 185 -5.46 -0.41 -3.16
N GLY A 186 -6.37 -1.38 -3.30
CA GLY A 186 -6.74 -2.23 -2.17
C GLY A 186 -5.85 -3.43 -1.97
N GLU A 187 -4.96 -3.72 -2.92
CA GLU A 187 -4.02 -4.82 -2.79
C GLU A 187 -2.98 -4.65 -3.91
N THR A 188 -1.72 -4.48 -3.58
CA THR A 188 -0.80 -4.16 -4.66
C THR A 188 0.62 -4.51 -4.26
N SER A 189 1.41 -4.93 -5.24
CA SER A 189 2.85 -5.18 -5.01
C SER A 189 3.58 -5.29 -6.34
N SER A 190 4.83 -5.77 -6.28
CA SER A 190 5.68 -5.85 -7.47
C SER A 190 5.19 -6.90 -8.45
N ALA A 191 4.98 -8.13 -8.00
CA ALA A 191 4.74 -9.25 -8.90
C ALA A 191 3.71 -10.21 -8.32
N TYR A 192 2.78 -10.69 -9.15
CA TYR A 192 1.72 -11.56 -8.66
C TYR A 192 2.22 -13.00 -8.55
N GLY A 193 1.36 -13.91 -8.07
CA GLY A 193 1.80 -15.28 -7.83
C GLY A 193 2.72 -15.45 -6.64
N GLY A 194 2.53 -14.63 -5.60
CA GLY A 194 3.38 -14.70 -4.42
C GLY A 194 4.66 -13.91 -4.49
N GLY A 195 4.85 -13.07 -5.50
CA GLY A 195 6.07 -12.32 -5.66
C GLY A 195 7.16 -13.10 -6.37
N ALA A 196 8.20 -12.39 -6.74
CA ALA A 196 9.31 -13.00 -7.47
C ALA A 196 10.34 -13.52 -6.47
N PRO A 197 10.64 -14.82 -6.45
CA PRO A 197 11.57 -15.34 -5.45
C PRO A 197 12.95 -14.70 -5.59
N GLY A 198 13.53 -14.32 -4.45
CA GLY A 198 14.85 -13.70 -4.45
C GLY A 198 14.90 -12.35 -5.12
N LEU A 199 13.77 -11.68 -5.25
CA LEU A 199 13.67 -10.40 -5.93
C LEU A 199 12.69 -9.50 -5.21
N SER A 200 11.46 -9.98 -5.01
CA SER A 200 10.43 -9.17 -4.37
C SER A 200 10.72 -8.89 -2.89
N ASP A 201 11.69 -9.59 -2.31
CA ASP A 201 12.06 -9.40 -0.91
C ASP A 201 13.45 -8.78 -0.77
N THR A 202 13.88 -8.00 -1.77
CA THR A 202 15.23 -7.46 -1.75
C THR A 202 15.22 -5.94 -1.88
N PHE A 203 16.40 -5.35 -1.71
CA PHE A 203 16.57 -3.92 -1.97
C PHE A 203 16.01 -3.53 -3.33
N ALA A 204 16.20 -4.37 -4.35
CA ALA A 204 15.76 -3.99 -5.70
C ALA A 204 14.24 -3.89 -5.83
N ALA A 205 13.49 -4.51 -4.90
CA ALA A 205 12.04 -4.35 -4.91
C ALA A 205 11.63 -2.92 -4.59
N GLY A 206 12.53 -2.12 -4.00
CA GLY A 206 12.14 -0.81 -3.53
C GLY A 206 11.82 0.18 -4.64
N PHE A 207 12.41 0.00 -5.83
CA PHE A 207 12.15 0.95 -6.91
C PHE A 207 10.68 0.93 -7.30
N MET A 208 10.11 -0.28 -7.45
CA MET A 208 8.69 -0.42 -7.76
C MET A 208 7.80 0.10 -6.64
N TRP A 209 8.18 -0.18 -5.39
CA TRP A 209 7.34 0.25 -4.28
C TRP A 209 7.33 1.78 -4.16
N LEU A 210 8.51 2.40 -4.09
CA LEU A 210 8.56 3.86 -3.94
C LEU A 210 7.96 4.58 -5.15
N ASP A 211 8.24 4.11 -6.36
CA ASP A 211 7.68 4.76 -7.55
C ASP A 211 6.17 4.67 -7.56
N LYS A 212 5.63 3.51 -7.18
CA LYS A 212 4.18 3.36 -7.10
C LYS A 212 3.57 4.33 -6.11
N LEU A 213 4.19 4.49 -4.94
CA LEU A 213 3.70 5.48 -3.99
C LEU A 213 3.72 6.88 -4.59
N GLY A 214 4.84 7.23 -5.22
CA GLY A 214 4.95 8.55 -5.83
C GLY A 214 3.86 8.81 -6.86
N LEU A 215 3.70 7.89 -7.82
CA LEU A 215 2.72 8.07 -8.89
C LEU A 215 1.29 8.01 -8.36
N SER A 216 1.02 7.10 -7.43
CA SER A 216 -0.31 7.05 -6.84
C SER A 216 -0.68 8.38 -6.21
N ALA A 217 0.23 8.95 -5.42
CA ALA A 217 -0.04 10.24 -4.79
C ALA A 217 -0.26 11.31 -5.84
N ARG A 218 0.58 11.34 -6.87
CA ARG A 218 0.47 12.40 -7.86
C ARG A 218 -0.76 12.25 -8.75
N MET A 219 -1.30 11.04 -8.90
CA MET A 219 -2.41 10.83 -9.83
C MET A 219 -3.78 10.78 -9.18
N GLY A 220 -3.85 10.87 -7.86
CA GLY A 220 -5.11 10.97 -7.16
C GLY A 220 -5.59 9.71 -6.45
N ILE A 221 -4.73 8.72 -6.26
CA ILE A 221 -5.05 7.58 -5.40
C ILE A 221 -4.84 8.02 -3.96
N GLU A 222 -5.82 7.74 -3.09
CA GLU A 222 -5.81 8.28 -1.73
C GLU A 222 -5.15 7.35 -0.72
N VAL A 223 -5.17 6.05 -0.98
CA VAL A 223 -4.66 5.02 -0.09
C VAL A 223 -4.09 3.90 -0.95
N VAL A 224 -2.94 3.35 -0.55
CA VAL A 224 -2.26 2.26 -1.25
C VAL A 224 -2.00 1.15 -0.24
N MET A 225 -2.54 -0.06 -0.49
CA MET A 225 -2.44 -1.17 0.46
C MET A 225 -1.43 -2.19 -0.04
N ARG A 226 -0.28 -2.26 0.64
CA ARG A 226 0.84 -3.11 0.25
C ARG A 226 0.57 -4.58 0.58
N GLN A 227 0.59 -5.43 -0.45
CA GLN A 227 0.60 -6.88 -0.30
C GLN A 227 2.05 -7.33 -0.15
N VAL A 228 2.45 -7.90 1.01
CA VAL A 228 1.70 -8.01 2.28
C VAL A 228 2.59 -7.46 3.39
N PHE A 229 2.01 -7.11 4.52
CA PHE A 229 2.84 -6.75 5.67
C PHE A 229 3.62 -7.97 6.17
N PHE A 230 2.95 -9.11 6.26
CA PHE A 230 3.51 -10.30 6.88
C PHE A 230 2.83 -11.52 6.29
N GLY A 231 3.62 -12.53 5.98
CA GLY A 231 3.09 -13.77 5.44
C GLY A 231 4.20 -14.50 4.71
N ALA A 232 3.80 -15.53 3.96
CA ALA A 232 4.79 -16.36 3.30
C ALA A 232 5.19 -15.84 1.92
N GLY A 233 4.41 -14.97 1.30
CA GLY A 233 4.77 -14.49 -0.03
C GLY A 233 6.08 -13.72 -0.03
N ASN A 234 6.81 -13.81 -1.16
CA ASN A 234 8.12 -13.20 -1.33
C ASN A 234 8.06 -11.67 -1.32
N TYR A 235 6.87 -11.08 -1.47
CA TYR A 235 6.70 -9.64 -1.39
C TYR A 235 6.37 -9.12 0.02
N HIS A 236 6.53 -9.96 1.04
CA HIS A 236 6.27 -9.52 2.41
C HIS A 236 7.23 -8.40 2.83
N LEU A 237 6.73 -7.48 3.64
CA LEU A 237 7.59 -6.50 4.32
C LEU A 237 8.37 -7.13 5.47
N VAL A 238 7.80 -8.18 6.07
CA VAL A 238 8.33 -8.86 7.25
C VAL A 238 8.15 -10.36 7.02
N ASP A 239 9.23 -11.13 7.15
CA ASP A 239 9.12 -12.55 6.87
C ASP A 239 8.66 -13.30 8.12
N GLU A 240 8.41 -14.61 7.99
CA GLU A 240 7.79 -15.31 9.11
C GLU A 240 8.78 -15.64 10.22
N ASN A 241 10.06 -15.27 10.07
CA ASN A 241 10.96 -15.18 11.22
C ASN A 241 10.88 -13.83 11.90
N PHE A 242 9.95 -12.98 11.44
CA PHE A 242 9.73 -11.62 11.97
C PHE A 242 10.90 -10.69 11.68
N ASP A 243 11.64 -10.96 10.63
CA ASP A 243 12.71 -10.09 10.19
C ASP A 243 12.21 -9.11 9.13
N PRO A 244 12.38 -7.79 9.30
CA PRO A 244 11.93 -6.86 8.25
C PRO A 244 12.85 -6.90 7.04
N LEU A 245 12.24 -6.79 5.88
CA LEU A 245 12.95 -6.73 4.60
C LEU A 245 13.22 -5.28 4.25
N PRO A 246 14.07 -5.03 3.25
CA PRO A 246 14.37 -3.62 2.90
C PRO A 246 13.13 -2.77 2.65
N ASP A 247 12.08 -3.35 2.03
CA ASP A 247 10.87 -2.58 1.79
C ASP A 247 10.19 -2.15 3.09
N TYR A 248 10.40 -2.89 4.18
CA TYR A 248 9.86 -2.42 5.45
C TYR A 248 10.51 -1.10 5.87
N TRP A 249 11.84 -1.02 5.78
CA TRP A 249 12.52 0.21 6.19
C TRP A 249 12.18 1.35 5.25
N LEU A 250 12.06 1.06 3.96
CA LEU A 250 11.60 2.06 3.01
C LEU A 250 10.24 2.60 3.40
N SER A 251 9.32 1.70 3.77
CA SER A 251 7.96 2.10 4.15
C SER A 251 7.97 2.90 5.44
N LEU A 252 8.81 2.50 6.40
CA LEU A 252 8.91 3.22 7.66
C LEU A 252 9.42 4.64 7.44
N LEU A 253 10.47 4.79 6.64
CA LEU A 253 10.98 6.12 6.34
C LEU A 253 9.94 6.96 5.61
N PHE A 254 9.22 6.34 4.66
CA PHE A 254 8.14 7.05 3.97
C PHE A 254 7.09 7.53 4.97
N LYS A 255 6.64 6.66 5.85
CA LYS A 255 5.65 7.03 6.86
C LYS A 255 6.12 8.22 7.69
N LYS A 256 7.37 8.21 8.12
CA LYS A 256 7.88 9.26 9.01
C LYS A 256 8.10 10.61 8.30
N LEU A 257 8.41 10.60 7.01
CA LEU A 257 8.90 11.79 6.31
C LEU A 257 7.91 12.42 5.34
N VAL A 258 7.02 11.64 4.73
CA VAL A 258 6.18 12.10 3.63
C VAL A 258 4.80 12.48 4.17
N GLY A 259 4.41 13.75 3.96
CA GLY A 259 3.14 14.23 4.43
C GLY A 259 1.99 14.02 3.45
N THR A 260 0.83 14.57 3.81
CA THR A 260 -0.40 14.31 3.06
C THR A 260 -0.61 15.22 1.86
N LYS A 261 0.05 16.38 1.80
CA LYS A 261 -0.13 17.32 0.69
C LYS A 261 0.84 16.96 -0.43
N VAL A 262 0.29 16.61 -1.59
CA VAL A 262 1.12 16.19 -2.73
C VAL A 262 1.45 17.41 -3.58
N LEU A 263 2.74 17.66 -3.80
CA LEU A 263 3.19 18.73 -4.68
C LEU A 263 3.76 18.12 -5.95
N MET A 264 4.53 18.92 -6.71
CA MET A 264 5.09 18.43 -7.96
C MET A 264 6.56 18.80 -8.11
N ALA A 265 7.35 17.81 -8.53
CA ALA A 265 8.73 17.97 -8.91
C ALA A 265 8.95 17.30 -10.25
N SER A 266 9.83 17.88 -11.06
CA SER A 266 10.18 17.29 -12.35
C SER A 266 11.63 17.64 -12.69
N VAL A 267 12.19 16.88 -13.63
CA VAL A 267 13.56 17.11 -14.09
C VAL A 267 13.52 18.08 -15.26
N GLN A 268 14.36 19.12 -15.21
CA GLN A 268 14.46 20.05 -16.32
C GLN A 268 15.00 19.34 -17.55
N GLY A 269 14.36 19.58 -18.70
CA GLY A 269 14.89 19.09 -19.96
C GLY A 269 14.66 17.61 -20.19
N GLN A 270 15.61 17.00 -20.89
CA GLN A 270 15.48 15.61 -21.34
C GLN A 270 15.12 14.70 -20.17
N ASP A 271 13.99 14.01 -20.31
CA ASP A 271 13.54 13.06 -19.30
C ASP A 271 13.68 11.65 -19.87
N ARG A 272 14.72 10.93 -19.43
CA ARG A 272 14.85 9.51 -19.78
C ARG A 272 14.02 8.60 -18.89
N ARG A 273 13.41 9.16 -17.85
CA ARG A 273 12.56 8.44 -16.89
C ARG A 273 13.35 7.51 -15.98
N LYS A 274 14.68 7.56 -16.00
CA LYS A 274 15.48 6.83 -15.00
C LYS A 274 15.73 7.64 -13.74
N LEU A 275 15.50 8.96 -13.78
CA LEU A 275 15.64 9.83 -12.62
C LEU A 275 14.25 10.33 -12.29
N ARG A 276 13.67 9.83 -11.18
CA ARG A 276 12.25 10.00 -10.92
C ARG A 276 12.08 10.67 -9.57
N VAL A 277 11.35 11.78 -9.53
CA VAL A 277 11.30 12.65 -8.36
C VAL A 277 9.86 12.95 -8.00
N TYR A 278 9.60 13.01 -6.69
CA TYR A 278 8.27 13.26 -6.14
C TYR A 278 8.44 14.22 -4.98
N LEU A 279 7.42 15.00 -4.72
CA LEU A 279 7.54 16.08 -3.74
C LEU A 279 6.23 16.20 -2.98
N HIS A 280 6.32 16.18 -1.65
CA HIS A 280 5.19 16.38 -0.75
C HIS A 280 5.62 17.37 0.33
N CYS A 281 4.65 17.94 1.04
CA CYS A 281 5.02 18.57 2.30
C CYS A 281 5.53 17.50 3.24
N THR A 282 6.41 17.90 4.15
CA THR A 282 6.94 16.99 5.16
C THR A 282 5.86 16.57 6.15
N ASN A 283 5.94 15.32 6.61
CA ASN A 283 5.00 14.85 7.61
C ASN A 283 5.10 15.69 8.88
N THR A 284 4.04 16.42 9.19
CA THR A 284 4.08 17.31 10.35
C THR A 284 4.19 16.53 11.67
N ASP A 285 3.72 15.29 11.69
CA ASP A 285 3.85 14.47 12.90
C ASP A 285 5.31 14.22 13.28
N ASN A 286 6.26 14.50 12.39
CA ASN A 286 7.66 14.21 12.67
C ASN A 286 8.24 15.31 13.56
N PRO A 287 8.70 14.99 14.78
CA PRO A 287 9.17 16.04 15.69
C PRO A 287 10.39 16.81 15.21
N ARG A 288 11.17 16.26 14.27
CA ARG A 288 12.33 16.99 13.77
C ARG A 288 11.96 18.19 12.90
N TYR A 289 10.75 18.24 12.36
CA TYR A 289 10.47 19.18 11.28
C TYR A 289 9.24 20.02 11.60
N LYS A 290 9.06 21.09 10.83
CA LYS A 290 8.04 22.09 11.12
C LYS A 290 7.24 22.38 9.86
N GLU A 291 6.07 22.97 10.07
CA GLU A 291 5.22 23.38 8.96
C GLU A 291 6.02 24.19 7.95
N GLY A 292 5.82 23.87 6.67
CA GLY A 292 6.53 24.51 5.59
C GLY A 292 7.66 23.70 5.02
N ASP A 293 8.16 22.69 5.75
CA ASP A 293 9.20 21.84 5.23
C ASP A 293 8.65 20.99 4.09
N LEU A 294 9.53 20.61 3.18
CA LEU A 294 9.21 19.78 2.02
C LEU A 294 9.99 18.47 2.08
N THR A 295 9.36 17.38 1.65
CA THR A 295 10.07 16.11 1.49
C THR A 295 10.12 15.75 0.01
N LEU A 296 11.32 15.79 -0.55
CA LEU A 296 11.60 15.28 -1.89
C LEU A 296 12.00 13.82 -1.76
N TYR A 297 11.48 12.95 -2.63
CA TYR A 297 12.02 11.61 -2.73
C TYR A 297 12.30 11.30 -4.18
N ALA A 298 13.33 10.51 -4.39
CA ALA A 298 13.92 10.39 -5.72
C ALA A 298 14.48 8.99 -5.91
N ILE A 299 14.36 8.52 -7.14
CA ILE A 299 14.86 7.22 -7.59
C ILE A 299 15.87 7.50 -8.69
N ASN A 300 17.00 6.80 -8.65
CA ASN A 300 17.99 6.89 -9.71
C ASN A 300 18.20 5.49 -10.28
N LEU A 301 17.64 5.26 -11.46
CA LEU A 301 17.81 3.99 -12.16
C LEU A 301 18.92 4.03 -13.21
N HIS A 302 19.71 5.11 -13.26
CA HIS A 302 20.93 5.11 -14.06
C HIS A 302 21.99 4.25 -13.39
N ASN A 303 22.98 3.83 -14.18
CA ASN A 303 24.09 3.05 -13.64
C ASN A 303 25.25 3.94 -13.20
N VAL A 304 25.03 5.25 -13.04
CA VAL A 304 26.02 6.18 -12.53
C VAL A 304 25.32 7.20 -11.63
N THR A 305 26.10 7.82 -10.75
CA THR A 305 25.59 8.81 -9.82
C THR A 305 25.04 10.03 -10.57
N LYS A 306 23.89 10.53 -10.12
CA LYS A 306 23.32 11.78 -10.60
C LYS A 306 23.27 12.77 -9.44
N TYR A 307 23.38 14.06 -9.76
CA TYR A 307 23.39 15.13 -8.77
C TYR A 307 22.21 16.05 -9.03
N LEU A 308 21.33 16.19 -8.04
CA LEU A 308 20.13 16.99 -8.19
C LEU A 308 20.39 18.39 -7.67
N ARG A 309 20.07 19.40 -8.47
CA ARG A 309 20.17 20.79 -8.05
C ARG A 309 18.78 21.33 -7.73
N LEU A 310 18.60 21.79 -6.50
CA LEU A 310 17.31 22.32 -6.09
C LEU A 310 17.07 23.68 -6.75
N PRO A 311 15.83 24.00 -7.13
CA PRO A 311 15.55 25.32 -7.67
C PRO A 311 15.54 26.38 -6.58
N TYR A 312 15.83 27.61 -6.98
CA TYR A 312 15.70 28.72 -6.06
C TYR A 312 14.23 28.85 -5.63
N PRO A 313 13.94 29.19 -4.36
CA PRO A 313 14.79 29.58 -3.24
C PRO A 313 15.28 28.41 -2.36
N PHE A 314 14.94 27.18 -2.74
CA PHE A 314 15.32 26.03 -1.94
C PHE A 314 16.78 25.65 -2.13
N SER A 315 17.43 26.22 -3.14
CA SER A 315 18.81 25.88 -3.47
C SER A 315 19.76 26.10 -2.31
N ASN A 316 19.44 27.01 -1.40
CA ASN A 316 20.36 27.33 -0.31
C ASN A 316 19.72 27.08 1.05
N LYS A 317 18.84 26.09 1.13
CA LYS A 317 18.27 25.65 2.40
C LYS A 317 19.08 24.49 2.95
N GLN A 318 18.97 24.28 4.26
CA GLN A 318 19.53 23.09 4.88
C GLN A 318 18.70 21.87 4.47
N VAL A 319 19.36 20.83 3.98
CA VAL A 319 18.72 19.61 3.51
C VAL A 319 19.17 18.44 4.39
N ASP A 320 18.22 17.63 4.85
CA ASP A 320 18.52 16.38 5.55
C ASP A 320 18.39 15.21 4.59
N GLN A 321 19.43 14.39 4.48
CA GLN A 321 19.46 13.27 3.56
C GLN A 321 19.14 11.96 4.28
N TYR A 322 18.31 11.13 3.64
CA TYR A 322 17.99 9.76 4.05
C TYR A 322 18.17 8.89 2.82
N LEU A 323 19.40 8.45 2.61
CA LEU A 323 19.77 7.69 1.42
C LEU A 323 19.85 6.20 1.76
N LEU A 324 19.14 5.37 1.00
CA LEU A 324 19.11 3.94 1.21
C LEU A 324 20.02 3.24 0.20
N ARG A 325 20.91 2.37 0.67
CA ARG A 325 21.74 1.55 -0.20
C ARG A 325 21.72 0.11 0.27
N PRO A 326 21.87 -0.86 -0.63
CA PRO A 326 21.95 -2.26 -0.21
C PRO A 326 23.26 -2.52 0.52
N HIS A 327 23.21 -3.49 1.43
CA HIS A 327 24.33 -3.85 2.28
C HIS A 327 24.71 -5.30 2.00
N GLY A 328 25.99 -5.52 1.66
CA GLY A 328 26.52 -6.86 1.54
C GLY A 328 26.78 -7.31 0.13
N PRO A 329 27.26 -8.56 -0.01
CA PRO A 329 27.73 -9.04 -1.32
C PRO A 329 26.62 -9.36 -2.31
N ASP A 330 25.35 -9.41 -1.89
CA ASP A 330 24.28 -9.68 -2.83
C ASP A 330 23.92 -8.48 -3.70
N GLY A 331 24.55 -7.34 -3.49
CA GLY A 331 24.28 -6.19 -4.31
C GLY A 331 22.84 -5.76 -4.21
N LEU A 332 22.24 -5.48 -5.38
CA LEU A 332 20.85 -5.06 -5.42
C LEU A 332 19.90 -6.13 -4.89
N LEU A 333 20.33 -7.38 -4.84
CA LEU A 333 19.50 -8.47 -4.34
C LEU A 333 19.67 -8.70 -2.84
N SER A 334 20.31 -7.80 -2.13
CA SER A 334 20.48 -7.96 -0.69
C SER A 334 19.14 -7.81 0.04
N LYS A 335 18.98 -8.59 1.11
CA LYS A 335 17.88 -8.43 2.04
C LYS A 335 18.23 -7.52 3.21
N SER A 336 19.37 -6.84 3.14
CA SER A 336 19.87 -5.92 4.16
C SER A 336 20.09 -4.55 3.53
N VAL A 337 19.73 -3.48 4.24
CA VAL A 337 19.78 -2.13 3.68
C VAL A 337 20.41 -1.17 4.69
N GLN A 338 21.08 -0.14 4.18
CA GLN A 338 21.74 0.86 5.01
C GLN A 338 21.13 2.23 4.80
N LEU A 339 21.00 2.96 5.88
CA LEU A 339 20.58 4.36 5.85
C LEU A 339 21.82 5.19 6.10
N ASN A 340 22.22 5.96 5.09
CA ASN A 340 23.38 6.84 5.23
C ASN A 340 24.58 6.07 5.78
N GLY A 341 24.78 4.85 5.27
CA GLY A 341 25.92 4.04 5.65
C GLY A 341 25.76 3.16 6.89
N GLN A 342 24.60 3.17 7.54
CA GLN A 342 24.39 2.41 8.77
C GLN A 342 23.30 1.36 8.54
N THR A 343 23.66 0.09 8.68
CA THR A 343 22.68 -0.99 8.50
C THR A 343 21.50 -0.81 9.44
N LEU A 344 20.29 -0.93 8.88
CA LEU A 344 19.06 -0.81 9.65
C LEU A 344 18.68 -2.16 10.26
N LYS A 345 18.60 -2.20 11.59
CA LYS A 345 18.29 -3.42 12.33
C LYS A 345 17.55 -3.01 13.60
N MET A 346 16.62 -3.84 14.03
N MET A 346 16.64 -3.87 14.03
CA MET A 346 15.96 -3.57 15.31
CA MET A 346 16.01 -3.66 15.33
C MET A 346 16.98 -3.59 16.44
C MET A 346 17.05 -3.57 16.43
N VAL A 347 16.83 -2.65 17.37
CA VAL A 347 17.68 -2.62 18.56
C VAL A 347 17.37 -3.81 19.45
N ASP A 348 16.09 -4.08 19.66
CA ASP A 348 15.63 -5.34 20.26
C ASP A 348 14.22 -5.59 19.78
N ASP A 349 13.59 -6.66 20.29
CA ASP A 349 12.30 -7.06 19.76
C ASP A 349 11.26 -5.95 19.86
N GLN A 350 11.43 -4.99 20.76
CA GLN A 350 10.42 -3.97 20.97
C GLN A 350 10.91 -2.56 20.65
N THR A 351 12.06 -2.42 19.99
CA THR A 351 12.66 -1.10 19.79
C THR A 351 13.11 -0.96 18.34
N LEU A 352 12.42 -0.12 17.57
CA LEU A 352 12.93 0.28 16.25
C LEU A 352 14.20 1.12 16.43
N PRO A 353 15.10 1.08 15.46
CA PRO A 353 16.35 1.85 15.59
C PRO A 353 16.14 3.32 15.27
N PRO A 354 17.08 4.18 15.63
CA PRO A 354 17.01 5.57 15.20
C PRO A 354 17.18 5.66 13.69
N LEU A 355 16.43 6.58 13.09
CA LEU A 355 16.52 6.86 11.65
C LEU A 355 17.12 8.25 11.51
N LYS A 356 18.45 8.33 11.57
CA LYS A 356 19.20 9.58 11.69
C LYS A 356 19.44 10.20 10.32
N PRO A 357 19.04 11.45 10.11
CA PRO A 357 19.36 12.12 8.85
C PRO A 357 20.85 12.43 8.76
N LYS A 358 21.32 12.59 7.53
CA LYS A 358 22.65 13.16 7.34
C LYS A 358 22.48 14.58 6.82
N PRO A 359 22.75 15.61 7.64
CA PRO A 359 22.61 17.00 7.14
C PRO A 359 23.66 17.28 6.07
N LEU A 360 23.22 17.87 4.95
CA LEU A 360 24.11 18.23 3.85
C LEU A 360 24.53 19.68 3.93
N ARG A 361 25.65 19.99 3.28
CA ARG A 361 26.08 21.38 3.19
C ARG A 361 25.04 22.18 2.41
N PRO A 362 24.49 23.26 2.98
CA PRO A 362 23.55 24.08 2.23
C PRO A 362 24.11 24.52 0.88
N GLY A 363 23.27 24.47 -0.14
CA GLY A 363 23.69 24.80 -1.48
C GLY A 363 24.40 23.69 -2.22
N SER A 364 24.65 22.55 -1.58
CA SER A 364 25.24 21.43 -2.28
C SER A 364 24.19 20.70 -3.10
N SER A 365 24.61 20.18 -4.24
CA SER A 365 23.71 19.36 -5.04
C SER A 365 23.51 18.02 -4.36
N LEU A 366 22.34 17.43 -4.56
CA LEU A 366 21.97 16.20 -3.88
C LEU A 366 22.50 15.01 -4.68
N GLY A 367 23.44 14.27 -4.11
CA GLY A 367 24.04 13.14 -4.80
C GLY A 367 23.23 11.86 -4.68
N LEU A 368 22.85 11.27 -5.80
CA LEU A 368 22.07 10.03 -5.80
C LEU A 368 22.85 8.96 -6.54
N PRO A 369 23.49 8.03 -5.84
CA PRO A 369 24.29 6.99 -6.51
C PRO A 369 23.47 6.14 -7.47
N ALA A 370 24.19 5.41 -8.32
CA ALA A 370 23.54 4.48 -9.23
C ALA A 370 22.62 3.53 -8.46
N PHE A 371 21.44 3.29 -9.01
CA PHE A 371 20.49 2.31 -8.47
C PHE A 371 20.26 2.51 -6.97
N SER A 372 19.74 3.68 -6.61
CA SER A 372 19.45 3.99 -5.23
C SER A 372 18.22 4.88 -5.17
N TYR A 373 17.71 5.09 -3.96
CA TYR A 373 16.60 5.99 -3.75
C TYR A 373 16.77 6.66 -2.40
N ALA A 374 16.10 7.79 -2.24
CA ALA A 374 16.44 8.59 -1.08
C ALA A 374 15.30 9.55 -0.79
N PHE A 375 15.23 9.99 0.46
CA PHE A 375 14.37 11.08 0.86
C PHE A 375 15.25 12.26 1.24
N PHE A 376 14.82 13.47 0.89
CA PHE A 376 15.54 14.67 1.25
C PHE A 376 14.54 15.66 1.84
N VAL A 377 14.76 16.03 3.09
CA VAL A 377 13.89 16.99 3.75
C VAL A 377 14.51 18.38 3.63
N ILE A 378 13.74 19.30 3.07
CA ILE A 378 14.19 20.67 2.82
C ILE A 378 13.69 21.51 3.99
N ARG A 379 14.60 21.84 4.89
CA ARG A 379 14.23 22.48 6.15
C ARG A 379 14.03 23.98 5.96
N ASN A 380 13.07 24.52 6.69
CA ASN A 380 12.78 25.95 6.65
C ASN A 380 12.38 26.39 5.25
N ALA A 381 11.85 25.45 4.47
CA ALA A 381 11.40 25.78 3.13
C ALA A 381 10.30 26.82 3.14
N LYS A 382 9.55 26.92 4.24
CA LYS A 382 8.58 28.00 4.43
C LYS A 382 7.59 28.08 3.28
N VAL A 383 7.18 26.91 2.78
CA VAL A 383 6.20 26.85 1.69
C VAL A 383 4.83 27.17 2.26
N PRO A 384 4.19 28.27 1.81
CA PRO A 384 2.85 28.59 2.35
C PRO A 384 1.84 27.49 2.15
N ALA A 385 1.88 26.78 1.02
CA ALA A 385 0.94 25.69 0.78
C ALA A 385 1.04 24.62 1.86
N CYS A 386 2.22 24.47 2.47
CA CYS A 386 2.43 23.44 3.48
C CYS A 386 2.05 23.92 4.88
N ILE A 387 2.24 25.20 5.15
CA ILE A 387 1.91 25.78 6.44
C ILE A 387 0.42 25.65 6.70
N GLN B 19 26.88 15.60 -18.93
CA GLN B 19 26.83 16.03 -17.55
C GLN B 19 25.97 15.09 -16.70
N ASP B 20 26.21 15.10 -15.39
CA ASP B 20 25.41 14.32 -14.45
C ASP B 20 24.74 15.21 -13.40
N VAL B 21 24.73 16.53 -13.60
CA VAL B 21 24.00 17.45 -12.75
C VAL B 21 22.64 17.72 -13.39
N VAL B 22 21.58 17.53 -12.61
CA VAL B 22 20.21 17.62 -13.08
C VAL B 22 19.51 18.73 -12.30
N ASP B 23 18.93 19.70 -13.00
CA ASP B 23 18.14 20.74 -12.36
C ASP B 23 16.71 20.27 -12.14
N LEU B 24 16.17 20.56 -10.96
CA LEU B 24 14.80 20.22 -10.64
C LEU B 24 13.91 21.45 -10.75
N ASP B 25 12.68 21.25 -11.20
CA ASP B 25 11.63 22.25 -11.12
C ASP B 25 10.60 21.78 -10.09
N PHE B 26 10.18 22.70 -9.22
CA PHE B 26 9.18 22.43 -8.21
C PHE B 26 7.94 23.26 -8.51
N PHE B 27 6.77 22.67 -8.30
CA PHE B 27 5.53 23.45 -8.21
C PHE B 27 4.99 23.27 -6.79
N THR B 28 5.01 24.37 -6.02
CA THR B 28 4.62 24.32 -4.62
C THR B 28 3.50 25.29 -4.28
N GLN B 29 2.90 25.96 -5.27
CA GLN B 29 1.92 27.00 -4.98
C GLN B 29 0.75 26.46 -4.15
N GLU B 30 0.20 25.33 -4.57
CA GLU B 30 -0.84 24.67 -3.80
C GLU B 30 -0.79 23.19 -4.12
N PRO B 31 -1.41 22.36 -3.28
CA PRO B 31 -1.32 20.90 -3.47
C PRO B 31 -2.07 20.44 -4.71
N LEU B 32 -1.48 19.47 -5.42
CA LEU B 32 -2.20 18.77 -6.48
C LEU B 32 -3.28 17.85 -5.93
N HIS B 33 -2.96 17.15 -4.83
CA HIS B 33 -3.90 16.26 -4.17
C HIS B 33 -3.60 16.23 -2.69
N LEU B 34 -4.58 15.75 -1.93
CA LEU B 34 -4.40 15.36 -0.54
C LEU B 34 -4.56 13.85 -0.45
N VAL B 35 -3.55 13.16 0.10
CA VAL B 35 -3.69 11.73 0.36
C VAL B 35 -4.10 11.51 1.81
N SER B 36 -4.51 10.28 2.15
CA SER B 36 -4.92 9.97 3.51
C SER B 36 -3.70 9.99 4.44
N PRO B 37 -3.87 10.31 5.73
CA PRO B 37 -2.76 10.05 6.66
C PRO B 37 -2.35 8.58 6.65
N SER B 38 -3.26 7.70 6.25
CA SER B 38 -3.03 6.27 6.11
C SER B 38 -2.64 5.88 4.69
N PHE B 39 -2.10 6.83 3.92
CA PHE B 39 -1.81 6.61 2.51
C PHE B 39 -1.03 5.33 2.29
N LEU B 40 0.01 5.10 3.06
CA LEU B 40 0.78 3.86 2.96
C LEU B 40 0.16 2.88 3.94
N SER B 41 -0.64 1.95 3.44
CA SER B 41 -1.30 0.94 4.24
C SER B 41 -0.80 -0.44 3.82
N VAL B 42 -1.33 -1.49 4.46
CA VAL B 42 -0.78 -2.84 4.30
C VAL B 42 -1.92 -3.86 4.35
N THR B 43 -1.62 -5.05 3.85
CA THR B 43 -2.56 -6.17 3.89
C THR B 43 -1.96 -7.34 4.66
N ILE B 44 -2.83 -8.24 5.08
CA ILE B 44 -2.47 -9.59 5.43
C ILE B 44 -3.34 -10.49 4.58
N ASP B 45 -2.71 -11.39 3.83
CA ASP B 45 -3.48 -12.22 2.92
C ASP B 45 -4.42 -13.16 3.69
N ALA B 46 -5.65 -13.27 3.21
CA ALA B 46 -6.64 -14.14 3.86
C ALA B 46 -6.09 -15.55 4.04
N ASN B 47 -5.14 -15.96 3.20
CA ASN B 47 -4.67 -17.32 3.32
C ASN B 47 -3.91 -17.58 4.63
N LEU B 48 -3.40 -16.52 5.28
CA LEU B 48 -2.67 -16.74 6.51
C LEU B 48 -3.57 -17.31 7.61
N ALA B 49 -4.87 -17.01 7.56
CA ALA B 49 -5.79 -17.58 8.54
C ALA B 49 -5.91 -19.09 8.44
N THR B 50 -5.35 -19.71 7.42
CA THR B 50 -5.35 -21.18 7.37
C THR B 50 -4.08 -21.79 7.92
N ASP B 51 -3.10 -20.96 8.28
CA ASP B 51 -1.91 -21.42 8.98
C ASP B 51 -2.35 -21.78 10.40
N PRO B 52 -2.14 -23.02 10.83
CA PRO B 52 -2.53 -23.39 12.20
C PRO B 52 -1.88 -22.49 13.26
N ARG B 53 -0.77 -21.84 12.94
CA ARG B 53 -0.06 -20.98 13.89
C ARG B 53 -0.61 -19.56 13.94
N PHE B 54 -1.70 -19.25 13.23
CA PHE B 54 -2.19 -17.87 13.08
C PHE B 54 -2.19 -17.07 14.37
N LEU B 55 -2.81 -17.61 15.42
CA LEU B 55 -2.92 -16.86 16.68
C LEU B 55 -1.56 -16.62 17.30
N ILE B 56 -0.65 -17.58 17.20
CA ILE B 56 0.67 -17.43 17.79
C ILE B 56 1.49 -16.41 17.01
N LEU B 57 1.48 -16.54 15.68
CA LEU B 57 2.26 -15.65 14.84
C LEU B 57 1.87 -14.19 15.06
N LEU B 58 0.57 -13.91 15.07
CA LEU B 58 0.14 -12.52 15.20
C LEU B 58 0.32 -11.97 16.61
N GLY B 59 0.63 -12.82 17.60
CA GLY B 59 0.96 -12.32 18.93
C GLY B 59 2.40 -11.90 19.13
N SER B 60 3.25 -12.07 18.11
CA SER B 60 4.68 -11.75 18.24
C SER B 60 4.88 -10.31 18.69
N PRO B 61 5.63 -10.08 19.79
CA PRO B 61 5.93 -8.69 20.17
C PRO B 61 6.71 -7.95 19.11
N LYS B 62 7.62 -8.62 18.42
CA LYS B 62 8.42 -7.96 17.40
C LYS B 62 7.55 -7.53 16.22
N LEU B 63 6.64 -8.41 15.81
CA LEU B 63 5.70 -8.06 14.73
C LEU B 63 4.84 -6.87 15.14
N ARG B 64 4.37 -6.85 16.38
CA ARG B 64 3.58 -5.72 16.86
C ARG B 64 4.39 -4.42 16.80
N THR B 65 5.66 -4.49 17.17
CA THR B 65 6.54 -3.33 17.15
C THR B 65 6.71 -2.82 15.72
N LEU B 66 6.95 -3.74 14.78
CA LEU B 66 7.08 -3.38 13.38
C LEU B 66 5.80 -2.76 12.84
N ALA B 67 4.64 -3.33 13.18
CA ALA B 67 3.36 -2.84 12.67
C ALA B 67 3.07 -1.45 13.22
N ARG B 68 3.37 -1.22 14.49
CA ARG B 68 3.16 0.11 15.07
C ARG B 68 3.99 1.17 14.35
N GLY B 69 5.14 0.79 13.81
CA GLY B 69 5.92 1.74 13.03
C GLY B 69 5.19 2.31 11.83
N LEU B 70 4.21 1.58 11.30
CA LEU B 70 3.50 2.02 10.11
C LEU B 70 2.19 2.71 10.43
N SER B 71 1.86 2.88 11.70
CA SER B 71 0.66 3.62 12.09
C SER B 71 0.82 5.10 11.79
N PRO B 72 -0.24 5.79 11.34
CA PRO B 72 -1.59 5.27 11.08
C PRO B 72 -1.64 4.54 9.75
N ALA B 73 -2.36 3.43 9.71
CA ALA B 73 -2.54 2.71 8.46
C ALA B 73 -3.77 1.82 8.56
N TYR B 74 -4.36 1.54 7.40
CA TYR B 74 -5.29 0.44 7.31
C TYR B 74 -4.54 -0.87 7.26
N LEU B 75 -5.16 -1.90 7.84
CA LEU B 75 -4.76 -3.30 7.70
C LEU B 75 -5.89 -4.05 7.02
N ARG B 76 -5.69 -4.44 5.78
CA ARG B 76 -6.73 -5.13 5.01
C ARG B 76 -6.49 -6.62 5.08
N PHE B 77 -7.47 -7.35 5.62
CA PHE B 77 -7.41 -8.81 5.68
C PHE B 77 -8.24 -9.34 4.50
N GLY B 78 -7.56 -9.86 3.50
CA GLY B 78 -8.24 -10.31 2.30
C GLY B 78 -7.27 -10.90 1.29
N GLY B 79 -7.83 -11.35 0.18
CA GLY B 79 -7.08 -12.04 -0.83
C GLY B 79 -7.98 -13.01 -1.53
N THR B 80 -7.37 -13.92 -2.30
CA THR B 80 -8.16 -14.93 -3.01
C THR B 80 -9.02 -15.75 -2.06
N LYS B 81 -8.47 -16.12 -0.89
CA LYS B 81 -9.20 -16.95 0.08
C LYS B 81 -10.37 -16.23 0.74
N THR B 82 -10.45 -14.90 0.61
CA THR B 82 -11.63 -14.18 1.07
C THR B 82 -12.91 -14.91 0.65
N ASP B 83 -12.95 -15.39 -0.58
CA ASP B 83 -14.17 -16.01 -1.10
C ASP B 83 -14.18 -17.52 -0.93
N PHE B 84 -13.32 -18.04 -0.03
CA PHE B 84 -13.29 -19.45 0.32
C PHE B 84 -13.19 -19.67 1.83
N LEU B 85 -13.38 -18.63 2.63
CA LEU B 85 -13.38 -18.71 4.09
C LEU B 85 -14.80 -18.56 4.60
N ILE B 86 -15.10 -19.33 5.63
CA ILE B 86 -16.43 -19.39 6.23
C ILE B 86 -16.24 -19.21 7.73
N PHE B 87 -17.02 -18.31 8.32
CA PHE B 87 -17.03 -18.12 9.76
C PHE B 87 -17.78 -19.26 10.42
N ASP B 88 -17.16 -19.90 11.40
CA ASP B 88 -17.78 -20.99 12.16
C ASP B 88 -17.84 -20.57 13.62
N PRO B 89 -18.98 -20.08 14.10
CA PRO B 89 -19.04 -19.55 15.47
C PRO B 89 -18.95 -20.63 16.54
N LYS B 90 -18.99 -21.92 16.17
CA LYS B 90 -18.84 -23.00 17.13
C LYS B 90 -17.41 -23.50 17.25
N LYS B 91 -16.55 -23.13 16.32
CA LYS B 91 -15.19 -23.66 16.29
C LYS B 91 -14.39 -23.13 17.47
N GLU B 92 -13.54 -23.98 18.04
CA GLU B 92 -12.71 -23.56 19.17
C GLU B 92 -11.59 -22.64 18.70
#